data_4BU0
#
_entry.id   4BU0
#
_cell.length_a   84.823
_cell.length_b   63.720
_cell.length_c   53.557
_cell.angle_alpha   90.00
_cell.angle_beta   90.00
_cell.angle_gamma   90.00
#
_symmetry.space_group_name_H-M   'P 21 21 2'
#
loop_
_entity.id
_entity.type
_entity.pdbx_description
1 polymer 'S-M CHECKPOINT CONTROL PROTEIN RAD4'
2 polymer 'DNA REPAIR PROTEIN RHP9'
3 non-polymer GLYCEROL
4 non-polymer 'ACETATE ION'
5 water water
#
loop_
_entity_poly.entity_id
_entity_poly.type
_entity_poly.pdbx_seq_one_letter_code
_entity_poly.pdbx_strand_id
1 'polypeptide(L)'
;MGSSKPLKGFVICCTSIDLKQRTEISTKATKLGAAYRSDFTKDVTHLIAGDFDTPKYKFAAKSRPDIKIMSSEWIPVLYE
SWVQGEDLDDGLLVDKHLLPTLFKCRVCLTNIGQPERSRIENYVLKHGGTFCPDLTRDVTHLIAGTSSGRKYEYALKWKI
NVVCVEWLWQSIQRNAVLEPQYFQLD
;
A
2 'polypeptide(L)' GYGEVLVPE(TPO)VAQHRT B,C
#
# COMPACT_ATOMS: atom_id res chain seq x y z
N SER A 4 -20.45 -21.10 9.35
CA SER A 4 -19.89 -22.33 8.79
C SER A 4 -19.25 -22.07 7.42
N LYS A 5 -17.92 -22.02 7.40
CA LYS A 5 -17.04 -21.76 6.27
C LYS A 5 -17.46 -20.47 5.53
N PRO A 6 -17.49 -19.29 6.21
CA PRO A 6 -17.84 -18.05 5.49
C PRO A 6 -16.88 -17.71 4.37
N LEU A 7 -15.57 -18.14 4.49
CA LEU A 7 -14.59 -17.80 3.45
C LEU A 7 -14.36 -18.93 2.45
N LYS A 8 -15.30 -19.89 2.32
CA LYS A 8 -15.18 -20.89 1.27
C LYS A 8 -15.05 -20.19 -0.11
N GLY A 9 -14.07 -20.61 -0.89
CA GLY A 9 -13.85 -20.01 -2.20
C GLY A 9 -12.83 -18.88 -2.18
N PHE A 10 -12.51 -18.34 -0.99
CA PHE A 10 -11.46 -17.32 -0.91
C PHE A 10 -10.10 -17.97 -0.94
N VAL A 11 -9.11 -17.29 -1.56
CA VAL A 11 -7.74 -17.80 -1.66
C VAL A 11 -6.88 -16.63 -1.22
N ILE A 12 -6.32 -16.76 -0.01
CA ILE A 12 -5.57 -15.65 0.59
CA ILE A 12 -5.57 -15.70 0.68
C ILE A 12 -4.08 -15.86 0.53
N CYS A 13 -3.34 -14.75 0.29
CA CYS A 13 -1.88 -14.72 0.21
C CYS A 13 -1.42 -13.50 0.99
N CYS A 14 -0.22 -13.54 1.62
CA CYS A 14 0.34 -12.39 2.33
C CYS A 14 1.56 -11.88 1.62
N THR A 15 1.85 -10.58 1.80
CA THR A 15 3.11 -10.00 1.35
C THR A 15 3.60 -9.03 2.43
N SER A 16 4.89 -9.17 2.84
CA SER A 16 5.50 -8.34 3.88
CA SER A 16 5.51 -8.34 3.86
C SER A 16 4.69 -8.32 5.17
N ILE A 17 4.28 -9.51 5.63
CA ILE A 17 3.60 -9.70 6.89
C ILE A 17 4.58 -10.52 7.74
N ASP A 18 4.86 -10.07 8.96
CA ASP A 18 5.78 -10.76 9.88
CA ASP A 18 5.80 -10.78 9.83
C ASP A 18 5.27 -12.17 10.21
N LEU A 19 6.17 -13.11 10.50
CA LEU A 19 5.80 -14.50 10.80
C LEU A 19 4.66 -14.68 11.83
N LYS A 20 4.70 -13.97 12.97
CA LYS A 20 3.68 -14.14 14.00
C LYS A 20 2.28 -13.80 13.42
N GLN A 21 2.20 -12.64 12.76
CA GLN A 21 0.93 -12.20 12.19
C GLN A 21 0.52 -13.08 11.01
N ARG A 22 1.48 -13.52 10.17
CA ARG A 22 1.17 -14.41 9.04
C ARG A 22 0.61 -15.75 9.54
N THR A 23 1.17 -16.29 10.65
CA THR A 23 0.70 -17.55 11.21
C THR A 23 -0.72 -17.36 11.74
N GLU A 24 -1.01 -16.22 12.40
CA GLU A 24 -2.36 -15.95 12.92
C GLU A 24 -3.36 -15.90 11.75
N ILE A 25 -2.98 -15.16 10.70
CA ILE A 25 -3.84 -15.00 9.52
C ILE A 25 -4.10 -16.33 8.84
N SER A 26 -3.04 -17.14 8.59
CA SER A 26 -3.22 -18.44 7.93
CA SER A 26 -3.26 -18.40 7.90
C SER A 26 -4.13 -19.35 8.75
N THR A 27 -3.87 -19.42 10.08
CA THR A 27 -4.66 -20.28 10.96
CA THR A 27 -4.68 -20.29 10.94
C THR A 27 -6.14 -19.85 10.97
N LYS A 28 -6.40 -18.55 11.15
CA LYS A 28 -7.76 -18.09 11.25
C LYS A 28 -8.48 -18.15 9.89
N ALA A 29 -7.75 -17.79 8.79
CA ALA A 29 -8.39 -17.85 7.47
C ALA A 29 -8.77 -19.29 7.12
N THR A 30 -7.91 -20.26 7.50
CA THR A 30 -8.18 -21.68 7.22
C THR A 30 -9.40 -22.13 8.01
N LYS A 31 -9.49 -21.72 9.31
CA LYS A 31 -10.66 -22.12 10.10
CA LYS A 31 -10.67 -22.09 10.10
C LYS A 31 -11.93 -21.51 9.49
N LEU A 32 -11.82 -20.27 8.92
CA LEU A 32 -12.95 -19.62 8.29
C LEU A 32 -13.34 -20.28 6.96
N GLY A 33 -12.52 -21.20 6.46
CA GLY A 33 -12.85 -21.92 5.23
C GLY A 33 -12.09 -21.52 4.00
N ALA A 34 -11.16 -20.57 4.12
CA ALA A 34 -10.38 -20.10 2.97
C ALA A 34 -9.24 -21.03 2.67
N ALA A 35 -8.69 -20.91 1.47
CA ALA A 35 -7.43 -21.53 1.15
C ALA A 35 -6.36 -20.48 1.49
N TYR A 36 -5.19 -20.90 1.91
CA TYR A 36 -4.09 -20.01 2.22
C TYR A 36 -2.91 -20.42 1.37
N ARG A 37 -2.37 -19.47 0.59
CA ARG A 37 -1.26 -19.75 -0.30
C ARG A 37 -0.03 -18.92 0.05
N SER A 38 1.13 -19.60 0.21
CA SER A 38 2.39 -18.92 0.53
CA SER A 38 2.42 -18.96 0.51
C SER A 38 2.92 -18.25 -0.74
N ASP A 39 2.77 -18.90 -1.90
CA ASP A 39 3.11 -18.32 -3.20
C ASP A 39 1.91 -17.55 -3.69
N PHE A 40 2.14 -16.54 -4.52
CA PHE A 40 1.04 -15.84 -5.13
C PHE A 40 0.64 -16.69 -6.36
N THR A 41 -0.42 -17.49 -6.23
CA THR A 41 -0.87 -18.33 -7.32
C THR A 41 -1.96 -17.63 -8.13
N LYS A 42 -2.24 -18.12 -9.35
CA LYS A 42 -3.25 -17.53 -10.21
C LYS A 42 -4.63 -17.43 -9.58
N ASP A 43 -4.95 -18.35 -8.63
CA ASP A 43 -6.28 -18.34 -8.04
C ASP A 43 -6.41 -17.48 -6.78
N VAL A 44 -5.34 -16.78 -6.36
CA VAL A 44 -5.45 -15.87 -5.23
C VAL A 44 -6.57 -14.86 -5.46
N THR A 45 -7.37 -14.57 -4.42
CA THR A 45 -8.47 -13.62 -4.52
C THR A 45 -8.18 -12.37 -3.68
N HIS A 46 -7.43 -12.54 -2.56
CA HIS A 46 -7.17 -11.48 -1.61
C HIS A 46 -5.72 -11.52 -1.22
N LEU A 47 -5.02 -10.36 -1.32
CA LEU A 47 -3.62 -10.25 -0.96
C LEU A 47 -3.54 -9.35 0.26
N ILE A 48 -3.10 -9.91 1.39
CA ILE A 48 -2.97 -9.14 2.63
C ILE A 48 -1.56 -8.57 2.59
N ALA A 49 -1.44 -7.23 2.56
CA ALA A 49 -0.14 -6.60 2.36
C ALA A 49 0.31 -5.72 3.50
N GLY A 50 1.62 -5.79 3.81
CA GLY A 50 2.22 -4.97 4.85
C GLY A 50 3.16 -3.91 4.31
N ASP A 51 3.27 -3.84 2.95
CA ASP A 51 4.13 -2.92 2.21
CA ASP A 51 4.12 -2.91 2.21
C ASP A 51 3.73 -2.95 0.75
N PHE A 52 4.09 -1.91 0.00
CA PHE A 52 3.83 -1.85 -1.43
C PHE A 52 5.07 -2.25 -2.23
N ASP A 53 6.28 -2.21 -1.61
CA ASP A 53 7.51 -2.46 -2.34
C ASP A 53 7.89 -3.93 -2.32
N THR A 54 7.04 -4.76 -2.91
CA THR A 54 7.29 -6.19 -3.02
C THR A 54 6.89 -6.70 -4.40
N PRO A 55 7.52 -7.80 -4.87
CA PRO A 55 7.10 -8.38 -6.16
C PRO A 55 5.62 -8.82 -6.21
N LYS A 56 5.08 -9.37 -5.09
CA LYS A 56 3.66 -9.76 -5.06
C LYS A 56 2.76 -8.56 -5.21
N TYR A 57 3.06 -7.48 -4.42
CA TYR A 57 2.23 -6.29 -4.52
C TYR A 57 2.30 -5.70 -5.91
N LYS A 58 3.53 -5.60 -6.46
CA LYS A 58 3.70 -5.00 -7.79
C LYS A 58 2.91 -5.78 -8.85
N PHE A 59 2.91 -7.13 -8.76
CA PHE A 59 2.19 -7.94 -9.74
C PHE A 59 0.70 -7.68 -9.66
N ALA A 60 0.13 -7.65 -8.43
CA ALA A 60 -1.29 -7.38 -8.30
C ALA A 60 -1.64 -5.99 -8.81
N ALA A 61 -0.80 -4.98 -8.49
CA ALA A 61 -1.08 -3.60 -8.91
C ALA A 61 -1.02 -3.43 -10.41
N LYS A 62 -0.14 -4.16 -11.07
CA LYS A 62 0.03 -4.01 -12.51
C LYS A 62 -0.92 -4.89 -13.32
N SER A 63 -1.09 -6.16 -12.91
CA SER A 63 -1.79 -7.16 -13.72
C SER A 63 -3.10 -7.74 -13.17
N ARG A 64 -3.41 -7.58 -11.86
CA ARG A 64 -4.60 -8.22 -11.32
C ARG A 64 -5.48 -7.27 -10.48
N PRO A 65 -6.24 -6.35 -11.11
CA PRO A 65 -7.10 -5.43 -10.34
C PRO A 65 -8.26 -6.11 -9.64
N ASP A 66 -8.59 -7.37 -10.03
CA ASP A 66 -9.67 -8.13 -9.44
C ASP A 66 -9.30 -8.55 -8.01
N ILE A 67 -8.00 -8.65 -7.73
CA ILE A 67 -7.50 -9.10 -6.41
C ILE A 67 -7.61 -7.95 -5.43
N LYS A 68 -8.21 -8.19 -4.26
CA LYS A 68 -8.35 -7.14 -3.26
C LYS A 68 -7.13 -7.07 -2.40
N ILE A 69 -6.58 -5.85 -2.19
CA ILE A 69 -5.41 -5.67 -1.33
CA ILE A 69 -5.41 -5.59 -1.35
C ILE A 69 -5.93 -5.26 0.02
N MET A 70 -5.69 -6.15 0.99
CA MET A 70 -6.26 -6.06 2.30
C MET A 70 -5.30 -5.72 3.39
N SER A 71 -5.84 -5.10 4.44
CA SER A 71 -5.09 -4.80 5.64
CA SER A 71 -5.06 -4.81 5.63
C SER A 71 -4.85 -6.07 6.46
N SER A 72 -3.77 -6.09 7.25
CA SER A 72 -3.50 -7.23 8.13
C SER A 72 -4.57 -7.46 9.16
N GLU A 73 -5.38 -6.43 9.47
CA GLU A 73 -6.45 -6.49 10.47
CA GLU A 73 -6.41 -6.57 10.51
C GLU A 73 -7.67 -7.26 9.98
N TRP A 74 -7.83 -7.40 8.63
CA TRP A 74 -9.05 -7.99 8.11
C TRP A 74 -9.40 -9.35 8.69
N ILE A 75 -8.52 -10.32 8.54
CA ILE A 75 -8.85 -11.68 8.97
C ILE A 75 -9.05 -11.75 10.50
N PRO A 76 -8.17 -11.17 11.35
CA PRO A 76 -8.45 -11.23 12.79
C PRO A 76 -9.79 -10.58 13.16
N VAL A 77 -10.18 -9.45 12.51
CA VAL A 77 -11.44 -8.81 12.86
C VAL A 77 -12.63 -9.68 12.40
N LEU A 78 -12.57 -10.22 11.17
CA LEU A 78 -13.69 -11.06 10.71
C LEU A 78 -13.79 -12.34 11.56
N TYR A 79 -12.63 -12.97 11.84
CA TYR A 79 -12.62 -14.17 12.68
C TYR A 79 -13.25 -13.88 14.04
N GLU A 80 -12.89 -12.72 14.64
CA GLU A 80 -13.46 -12.40 15.95
C GLU A 80 -14.97 -12.31 15.92
N SER A 81 -15.54 -11.68 14.87
CA SER A 81 -16.99 -11.57 14.79
CA SER A 81 -16.97 -11.55 14.76
C SER A 81 -17.63 -12.93 14.61
N TRP A 82 -17.04 -13.76 13.76
CA TRP A 82 -17.56 -15.08 13.47
C TRP A 82 -17.53 -16.02 14.69
N VAL A 83 -16.40 -16.04 15.41
CA VAL A 83 -16.30 -16.98 16.55
C VAL A 83 -17.16 -16.56 17.73
N GLN A 84 -17.55 -15.30 17.77
CA GLN A 84 -18.46 -14.77 18.81
C GLN A 84 -19.94 -14.93 18.43
N GLY A 85 -20.22 -15.56 17.29
CA GLY A 85 -21.57 -15.83 16.84
C GLY A 85 -22.30 -14.64 16.27
N GLU A 86 -21.56 -13.59 15.85
CA GLU A 86 -22.20 -12.40 15.32
C GLU A 86 -22.61 -12.61 13.88
N ASP A 87 -23.72 -11.99 13.50
CA ASP A 87 -24.20 -12.07 12.13
C ASP A 87 -23.19 -11.38 11.22
N LEU A 88 -22.90 -12.02 10.10
CA LEU A 88 -22.02 -11.49 9.08
C LEU A 88 -22.86 -11.18 7.88
N ASP A 89 -22.36 -10.39 6.97
CA ASP A 89 -23.10 -10.23 5.73
C ASP A 89 -22.21 -10.66 4.59
N ASP A 90 -22.76 -10.67 3.39
CA ASP A 90 -22.08 -11.14 2.21
C ASP A 90 -20.84 -10.32 1.86
N GLY A 91 -20.68 -9.12 2.45
CA GLY A 91 -19.49 -8.32 2.19
C GLY A 91 -18.28 -8.86 2.95
N LEU A 92 -18.53 -9.64 4.02
CA LEU A 92 -17.47 -10.30 4.84
C LEU A 92 -16.39 -9.31 5.32
N LEU A 93 -16.83 -8.07 5.60
CA LEU A 93 -16.02 -6.96 6.12
C LEU A 93 -14.91 -6.53 5.18
N VAL A 94 -14.91 -7.00 3.94
CA VAL A 94 -13.83 -6.69 3.00
C VAL A 94 -13.71 -5.18 2.75
N ASP A 95 -14.84 -4.52 2.42
CA ASP A 95 -14.74 -3.08 2.09
C ASP A 95 -14.29 -2.24 3.27
N LYS A 96 -14.47 -2.71 4.50
CA LYS A 96 -14.06 -1.98 5.70
C LYS A 96 -12.58 -2.18 6.02
N HIS A 97 -11.92 -3.15 5.37
CA HIS A 97 -10.53 -3.46 5.72
C HIS A 97 -9.63 -3.49 4.49
N LEU A 98 -9.98 -2.75 3.45
CA LEU A 98 -9.09 -2.62 2.31
C LEU A 98 -7.87 -1.88 2.78
N LEU A 99 -6.70 -2.23 2.24
CA LEU A 99 -5.49 -1.51 2.64
C LEU A 99 -5.57 -0.07 2.11
N PRO A 100 -5.20 0.95 2.93
CA PRO A 100 -5.18 2.33 2.42
C PRO A 100 -4.25 2.39 1.22
N THR A 101 -4.63 3.13 0.18
CA THR A 101 -3.87 3.12 -1.06
C THR A 101 -2.42 3.46 -0.85
N LEU A 102 -2.14 4.50 -0.02
CA LEU A 102 -0.78 4.97 0.20
C LEU A 102 -0.14 4.46 1.49
N PHE A 103 -0.58 3.27 1.96
CA PHE A 103 0.00 2.63 3.13
C PHE A 103 1.51 2.51 2.93
N LYS A 104 2.26 2.97 3.93
CA LYS A 104 3.73 2.93 3.99
C LYS A 104 4.40 3.92 3.03
N CYS A 105 3.62 4.74 2.30
CA CYS A 105 4.26 5.78 1.49
C CYS A 105 4.62 6.94 2.39
N ARG A 106 5.75 7.58 2.08
CA ARG A 106 6.23 8.78 2.78
C ARG A 106 6.53 9.73 1.65
N VAL A 107 5.61 10.67 1.43
CA VAL A 107 5.62 11.50 0.25
C VAL A 107 6.07 12.92 0.57
N CYS A 108 7.01 13.41 -0.25
CA CYS A 108 7.55 14.76 -0.16
C CYS A 108 7.24 15.44 -1.47
N LEU A 109 7.16 16.78 -1.47
CA LEU A 109 6.88 17.57 -2.68
C LEU A 109 8.00 18.56 -2.98
N THR A 110 8.19 18.92 -4.27
CA THR A 110 9.11 20.00 -4.59
C THR A 110 8.62 20.75 -5.81
N ASN A 111 8.79 22.09 -5.80
CA ASN A 111 8.51 22.91 -6.98
C ASN A 111 7.06 22.83 -7.46
N ILE A 112 6.14 22.89 -6.51
CA ILE A 112 4.71 22.89 -6.80
C ILE A 112 4.13 24.10 -6.09
N GLY A 113 3.35 24.89 -6.83
CA GLY A 113 2.72 26.06 -6.28
C GLY A 113 1.41 25.79 -5.58
N GLN A 114 0.87 26.84 -4.96
CA GLN A 114 -0.42 26.79 -4.27
C GLN A 114 -1.53 27.19 -5.22
N PRO A 115 -2.75 26.66 -5.04
CA PRO A 115 -3.20 25.76 -3.96
C PRO A 115 -2.94 24.25 -4.21
N GLU A 116 -2.33 23.97 -5.33
CA GLU A 116 -2.12 22.48 -5.72
CA GLU A 116 -2.05 22.51 -5.78
C GLU A 116 -1.11 21.63 -4.76
N ARG A 117 -0.19 22.45 -4.20
CA ARG A 117 0.72 21.86 -3.23
C ARG A 117 0.00 21.36 -1.98
N SER A 118 -0.85 22.21 -1.36
CA SER A 118 -1.54 21.78 -0.15
CA SER A 118 -1.58 21.82 -0.17
C SER A 118 -2.67 20.77 -0.45
N ARG A 119 -3.25 20.80 -1.67
CA ARG A 119 -4.25 19.82 -2.07
CA ARG A 119 -4.25 19.80 -2.05
C ARG A 119 -3.59 18.43 -2.15
N ILE A 120 -2.36 18.37 -2.71
CA ILE A 120 -1.61 17.10 -2.79
C ILE A 120 -1.39 16.56 -1.37
N GLU A 121 -0.90 17.44 -0.46
CA GLU A 121 -0.68 17.05 0.92
C GLU A 121 -1.96 16.45 1.54
N ASN A 122 -3.11 17.11 1.32
CA ASN A 122 -4.36 16.59 1.85
C ASN A 122 -4.70 15.21 1.28
N TYR A 123 -4.52 15.01 -0.04
CA TYR A 123 -4.83 13.69 -0.62
C TYR A 123 -3.91 12.58 -0.12
N VAL A 124 -2.61 12.88 0.11
CA VAL A 124 -1.70 11.89 0.64
C VAL A 124 -2.20 11.43 2.00
N LEU A 125 -2.61 12.38 2.86
CA LEU A 125 -3.07 12.03 4.20
C LEU A 125 -4.41 11.28 4.15
N LYS A 126 -5.33 11.73 3.27
CA LYS A 126 -6.65 11.08 3.12
C LYS A 126 -6.50 9.62 2.69
N HIS A 127 -5.44 9.30 1.94
CA HIS A 127 -5.25 7.93 1.45
C HIS A 127 -4.20 7.13 2.22
N GLY A 128 -3.99 7.53 3.48
CA GLY A 128 -3.18 6.75 4.40
C GLY A 128 -1.68 6.88 4.32
N GLY A 129 -1.18 7.83 3.53
CA GLY A 129 0.26 8.02 3.46
C GLY A 129 0.74 8.95 4.56
N THR A 130 2.07 9.06 4.68
CA THR A 130 2.72 10.02 5.58
C THR A 130 3.17 11.15 4.70
N PHE A 131 2.90 12.38 5.11
CA PHE A 131 3.34 13.55 4.39
C PHE A 131 4.64 14.07 5.03
N CYS A 132 5.64 14.37 4.18
CA CYS A 132 6.97 14.82 4.60
C CYS A 132 7.29 16.21 4.07
N PRO A 133 7.23 17.25 4.93
CA PRO A 133 7.58 18.60 4.46
C PRO A 133 9.06 18.68 4.03
N ASP A 134 9.95 18.00 4.78
CA ASP A 134 11.39 17.95 4.49
C ASP A 134 11.73 16.65 3.81
N LEU A 135 12.75 16.68 2.93
CA LEU A 135 13.20 15.44 2.31
C LEU A 135 14.24 14.79 3.20
N THR A 136 14.00 13.53 3.54
CA THR A 136 14.93 12.69 4.32
C THR A 136 15.11 11.39 3.58
N ARG A 137 16.12 10.61 3.99
CA ARG A 137 16.47 9.38 3.29
C ARG A 137 15.36 8.33 3.33
N ASP A 138 14.38 8.44 4.22
CA ASP A 138 13.31 7.46 4.32
C ASP A 138 12.07 7.86 3.52
N VAL A 139 12.14 8.98 2.75
CA VAL A 139 11.01 9.33 1.88
C VAL A 139 10.94 8.28 0.78
N THR A 140 9.71 7.89 0.39
CA THR A 140 9.54 6.88 -0.64
C THR A 140 9.29 7.48 -2.00
N HIS A 141 8.63 8.66 -2.02
CA HIS A 141 8.31 9.33 -3.27
C HIS A 141 8.44 10.81 -3.14
N LEU A 142 9.17 11.41 -4.08
CA LEU A 142 9.22 12.86 -4.18
C LEU A 142 8.39 13.25 -5.39
N ILE A 143 7.29 13.99 -5.20
CA ILE A 143 6.49 14.46 -6.33
C ILE A 143 7.08 15.81 -6.71
N ALA A 144 7.55 15.93 -7.95
CA ALA A 144 8.25 17.13 -8.39
C ALA A 144 7.52 17.84 -9.49
N GLY A 145 7.43 19.17 -9.39
CA GLY A 145 6.83 19.97 -10.46
C GLY A 145 7.80 20.17 -11.59
N THR A 146 9.12 20.23 -11.27
CA THR A 146 10.22 20.42 -12.22
CA THR A 146 10.21 20.38 -12.24
C THR A 146 11.40 19.57 -11.76
N SER A 147 12.26 19.13 -12.69
CA SER A 147 13.45 18.33 -12.40
C SER A 147 14.66 19.21 -12.05
N SER A 148 14.56 19.96 -10.95
CA SER A 148 15.66 20.83 -10.48
C SER A 148 15.47 21.17 -9.01
N GLY A 149 16.53 21.70 -8.39
CA GLY A 149 16.42 22.12 -7.01
C GLY A 149 17.07 21.15 -6.06
N ARG A 150 17.16 21.58 -4.80
CA ARG A 150 17.86 20.86 -3.75
C ARG A 150 17.20 19.52 -3.40
N LYS A 151 15.87 19.51 -3.30
CA LYS A 151 15.23 18.21 -2.99
C LYS A 151 15.41 17.26 -4.16
N TYR A 152 15.24 17.76 -5.39
CA TYR A 152 15.41 16.89 -6.53
C TYR A 152 16.82 16.30 -6.58
N GLU A 153 17.86 17.13 -6.37
CA GLU A 153 19.22 16.62 -6.45
C GLU A 153 19.49 15.59 -5.34
N TYR A 154 18.97 15.84 -4.12
CA TYR A 154 19.22 14.87 -3.06
C TYR A 154 18.43 13.58 -3.26
N ALA A 155 17.21 13.68 -3.86
CA ALA A 155 16.48 12.43 -4.13
C ALA A 155 17.25 11.57 -5.12
N LEU A 156 17.90 12.21 -6.13
CA LEU A 156 18.69 11.40 -7.07
C LEU A 156 19.84 10.72 -6.34
N LYS A 157 20.52 11.44 -5.43
CA LYS A 157 21.64 10.89 -4.67
C LYS A 157 21.20 9.72 -3.74
N TRP A 158 20.05 9.85 -3.07
CA TRP A 158 19.54 8.84 -2.14
C TRP A 158 18.73 7.74 -2.84
N LYS A 159 18.64 7.81 -4.19
CA LYS A 159 17.89 6.85 -5.02
C LYS A 159 16.42 6.78 -4.62
N ILE A 160 15.85 7.98 -4.31
CA ILE A 160 14.44 8.10 -3.98
C ILE A 160 13.66 8.34 -5.27
N ASN A 161 12.51 7.65 -5.42
CA ASN A 161 11.65 7.83 -6.58
C ASN A 161 11.26 9.29 -6.76
N VAL A 162 11.42 9.82 -7.99
CA VAL A 162 11.00 11.16 -8.34
C VAL A 162 9.93 10.99 -9.39
N VAL A 163 8.70 11.40 -9.06
CA VAL A 163 7.59 11.22 -9.97
C VAL A 163 6.83 12.50 -10.19
N CYS A 164 6.08 12.56 -11.28
CA CYS A 164 5.14 13.67 -11.45
C CYS A 164 3.84 13.34 -10.69
N VAL A 165 3.00 14.36 -10.49
CA VAL A 165 1.82 14.21 -9.66
C VAL A 165 0.84 13.15 -10.23
N GLU A 166 0.90 12.87 -11.54
CA GLU A 166 0.03 11.86 -12.14
C GLU A 166 0.21 10.50 -11.46
N TRP A 167 1.39 10.25 -10.87
CA TRP A 167 1.57 9.02 -10.09
C TRP A 167 0.54 8.93 -8.97
N LEU A 168 0.36 10.05 -8.27
CA LEU A 168 -0.58 10.08 -7.17
C LEU A 168 -2.00 9.90 -7.65
N TRP A 169 -2.38 10.62 -8.68
CA TRP A 169 -3.74 10.51 -9.15
C TRP A 169 -4.07 9.13 -9.66
N GLN A 170 -3.17 8.57 -10.46
CA GLN A 170 -3.47 7.24 -10.97
C GLN A 170 -3.42 6.17 -9.87
N SER A 171 -2.53 6.31 -8.86
CA SER A 171 -2.45 5.34 -7.77
C SER A 171 -3.75 5.39 -6.98
N ILE A 172 -4.25 6.61 -6.72
CA ILE A 172 -5.53 6.71 -5.97
C ILE A 172 -6.66 6.05 -6.76
N GLN A 173 -6.75 6.30 -8.07
CA GLN A 173 -7.90 5.72 -8.76
CA GLN A 173 -7.79 5.70 -8.93
C GLN A 173 -7.76 4.19 -8.93
N ARG A 174 -6.52 3.65 -8.95
N ARG A 174 -6.54 3.61 -8.98
CA ARG A 174 -6.24 2.23 -9.08
CA ARG A 174 -6.37 2.15 -9.02
C ARG A 174 -6.26 1.52 -7.70
C ARG A 174 -6.55 1.51 -7.65
N ASN A 175 -6.41 2.31 -6.59
CA ASN A 175 -6.41 1.79 -5.22
CA ASN A 175 -6.40 1.88 -5.18
C ASN A 175 -5.14 0.99 -4.93
N ALA A 176 -4.01 1.42 -5.51
CA ALA A 176 -2.74 0.74 -5.32
C ALA A 176 -1.63 1.68 -5.70
N VAL A 177 -0.48 1.55 -5.03
CA VAL A 177 0.72 2.28 -5.39
C VAL A 177 1.20 1.77 -6.71
N LEU A 178 1.36 2.67 -7.68
CA LEU A 178 1.89 2.28 -8.99
C LEU A 178 3.39 2.52 -9.05
N GLU A 179 4.08 1.81 -9.95
CA GLU A 179 5.53 1.89 -10.05
C GLU A 179 5.95 3.25 -10.62
N PRO A 180 7.12 3.75 -10.17
CA PRO A 180 7.52 5.12 -10.50
C PRO A 180 8.01 5.35 -11.93
N GLN A 181 8.55 4.31 -12.59
CA GLN A 181 9.13 4.50 -13.93
C GLN A 181 8.09 4.93 -14.96
N TYR A 182 6.80 4.76 -14.65
CA TYR A 182 5.75 5.17 -15.57
C TYR A 182 5.36 6.64 -15.42
N PHE A 183 5.94 7.31 -14.42
CA PHE A 183 5.56 8.68 -14.10
C PHE A 183 6.79 9.57 -13.96
N GLN A 184 7.74 9.41 -14.87
CA GLN A 184 8.96 10.22 -14.84
C GLN A 184 8.69 11.63 -15.35
N LEU A 185 9.48 12.59 -14.88
CA LEU A 185 9.36 13.97 -15.33
C LEU A 185 9.93 14.11 -16.76
N GLY B 3 -2.40 -23.96 -7.54
CA GLY B 3 -2.48 -23.21 -8.80
C GLY B 3 -1.14 -22.78 -9.35
N GLU B 4 -1.14 -22.24 -10.59
CA GLU B 4 0.05 -21.73 -11.28
C GLU B 4 0.68 -20.60 -10.45
N VAL B 5 1.99 -20.69 -10.17
CA VAL B 5 2.72 -19.69 -9.37
C VAL B 5 3.03 -18.46 -10.24
N LEU B 6 2.53 -17.29 -9.82
CA LEU B 6 2.77 -16.01 -10.54
C LEU B 6 3.97 -15.32 -9.91
N VAL B 7 4.01 -15.29 -8.59
CA VAL B 7 5.10 -14.71 -7.82
C VAL B 7 5.43 -15.64 -6.66
N PRO B 8 6.69 -16.09 -6.49
CA PRO B 8 6.96 -16.99 -5.37
C PRO B 8 6.97 -16.29 -4.01
N GLU B 9 6.81 -17.06 -2.94
CA GLU B 9 6.91 -16.60 -1.56
C GLU B 9 8.24 -15.89 -1.34
N VAL B 11 11.69 -14.91 0.19
CA VAL B 11 12.69 -15.76 0.83
C VAL B 11 13.04 -15.11 2.18
N ALA B 12 12.94 -15.90 3.26
CA ALA B 12 13.20 -15.45 4.64
C ALA B 12 14.69 -15.21 4.86
N GLY C 1 20.69 8.30 16.59
CA GLY C 1 21.71 8.88 17.47
C GLY C 1 22.47 9.96 16.75
N TYR C 2 23.11 9.60 15.63
CA TYR C 2 23.84 10.57 14.80
C TYR C 2 22.87 11.48 14.11
N GLY C 3 23.31 12.70 13.77
CA GLY C 3 22.46 13.67 13.11
C GLY C 3 21.98 13.22 11.74
N GLU C 4 20.76 13.63 11.37
CA GLU C 4 20.23 13.24 10.06
C GLU C 4 20.29 14.41 9.11
N VAL C 5 20.52 14.11 7.83
CA VAL C 5 20.54 15.13 6.79
C VAL C 5 19.09 15.35 6.34
N LEU C 6 18.64 16.61 6.32
CA LEU C 6 17.29 16.98 5.88
C LEU C 6 17.39 18.07 4.85
N VAL C 7 16.61 17.96 3.76
CA VAL C 7 16.50 19.02 2.78
C VAL C 7 15.24 19.77 3.22
N PRO C 8 15.35 21.05 3.64
CA PRO C 8 14.18 21.71 4.22
C PRO C 8 13.06 22.01 3.24
N GLU C 9 11.81 22.01 3.77
CA GLU C 9 10.66 22.43 2.97
C GLU C 9 10.93 23.82 2.40
N VAL C 11 10.76 27.45 1.66
CA VAL C 11 10.17 28.53 2.45
C VAL C 11 9.38 29.46 1.56
N ALA C 12 9.98 29.90 0.45
CA ALA C 12 9.35 30.85 -0.46
C ALA C 12 8.41 30.14 -1.38
N GLN C 13 7.11 30.27 -1.11
CA GLN C 13 6.16 29.58 -1.95
C GLN C 13 5.45 30.58 -2.84
N HIS C 14 5.02 30.07 -3.98
CA HIS C 14 4.40 30.81 -5.05
C HIS C 14 3.04 30.27 -5.35
N ARG C 15 2.18 31.15 -5.82
CA ARG C 15 0.86 30.73 -6.23
C ARG C 15 0.95 30.46 -7.72
N THR C 16 0.48 29.28 -8.16
CA THR C 16 0.53 28.84 -9.56
C THR C 16 -0.15 29.87 -10.48
#